data_4TQB
#
_entry.id   4TQB
#
_cell.length_a   39.830
_cell.length_b   73.480
_cell.length_c   66.260
_cell.angle_alpha   90.00
_cell.angle_beta   106.66
_cell.angle_gamma   90.00
#
_symmetry.space_group_name_H-M   'P 1 21 1'
#
loop_
_entity.id
_entity.type
_entity.pdbx_description
1 polymer 'Eukaryotic translation initiation factor 4E'
2 non-polymer "7N-METHYL-8-HYDROGUANOSINE-5'-TRIPHOSPHATE"
3 non-polymer '(2E)-2-{2-[4-(4-bromophenyl)-1,3-thiazol-2-yl]hydrazinylidene}-3-(2-nitrophenyl)propanoic acid'
4 non-polymer '2-(N-MORPHOLINO)-ETHANESULFONIC ACID'
5 water water
#
_entity_poly.entity_id   1
_entity_poly.type   'polypeptide(L)'
_entity_poly.pdbx_seq_one_letter_code
;MVANPEHYIKHPLQNRWALWFFKNDKSKTWQANLRLISKFDTVEDFWALYNHIQLSSNLMPGCDYSLFKDGIEPMWEDEK
NKRGGRWLITLNKQQRRSDLDRFWLETLLCLIGESFDDYSDDVCGAVVNVRAKGDKIAIWTTECENREAVTHIGRVYKER
LGLPPKIVIGYQSHADTATKSGSTTKNRFVV
;
_entity_poly.pdbx_strand_id   A,B
#
loop_
_chem_comp.id
_chem_comp.type
_chem_comp.name
_chem_comp.formula
34K non-polymer '(2E)-2-{2-[4-(4-bromophenyl)-1,3-thiazol-2-yl]hydrazinylidene}-3-(2-nitrophenyl)propanoic acid' 'C18 H13 Br N4 O4 S'
MES non-polymer '2-(N-MORPHOLINO)-ETHANESULFONIC ACID' 'C6 H13 N O4 S'
MGT non-polymer 7N-METHYL-8-HYDROGUANOSINE-5'-TRIPHOSPHATE 'C11 H20 N5 O14 P3'
#
# COMPACT_ATOMS: atom_id res chain seq x y z
N HIS A 7 5.24 24.19 -8.27
CA HIS A 7 4.02 23.89 -9.02
C HIS A 7 3.65 22.42 -8.88
N TYR A 8 2.45 22.15 -8.38
CA TYR A 8 1.96 20.80 -8.08
C TYR A 8 0.56 20.53 -8.61
N ILE A 9 0.50 19.69 -9.63
CA ILE A 9 -0.76 19.24 -10.20
C ILE A 9 -1.24 18.01 -9.45
N LYS A 10 -2.55 17.81 -9.35
CA LYS A 10 -3.08 16.59 -8.80
C LYS A 10 -3.16 15.52 -9.89
N HIS A 11 -3.21 14.27 -9.48
CA HIS A 11 -3.22 13.14 -10.40
C HIS A 11 -4.57 12.44 -10.38
N PRO A 12 -5.39 12.63 -11.42
CA PRO A 12 -6.73 12.07 -11.37
C PRO A 12 -6.74 10.54 -11.41
N LEU A 13 -7.73 9.95 -10.74
CA LEU A 13 -8.02 8.54 -10.88
C LEU A 13 -8.97 8.31 -12.05
N GLN A 14 -9.02 7.08 -12.56
CA GLN A 14 -9.95 6.75 -13.62
CA GLN A 14 -9.95 6.74 -13.63
C GLN A 14 -11.40 6.90 -13.16
N ASN A 15 -11.64 6.57 -11.89
CA ASN A 15 -12.99 6.68 -11.32
C ASN A 15 -13.01 7.53 -10.05
N ARG A 16 -14.18 8.04 -9.73
CA ARG A 16 -14.45 8.69 -8.45
C ARG A 16 -14.95 7.61 -7.50
N TRP A 17 -14.47 7.67 -6.26
CA TRP A 17 -14.75 6.64 -5.25
C TRP A 17 -15.33 7.27 -4.01
N ALA A 18 -16.16 6.49 -3.32
CA ALA A 18 -16.74 6.89 -2.07
C ALA A 18 -16.44 5.87 -1.00
N LEU A 19 -16.01 6.38 0.15
CA LEU A 19 -15.78 5.56 1.33
C LEU A 19 -17.00 5.61 2.26
N TRP A 20 -17.42 4.44 2.71
CA TRP A 20 -18.57 4.27 3.58
C TRP A 20 -18.15 3.60 4.89
N PHE A 21 -18.85 3.92 5.96
CA PHE A 21 -18.67 3.32 7.26
C PHE A 21 -19.95 2.61 7.67
N PHE A 22 -19.82 1.46 8.32
CA PHE A 22 -20.95 0.69 8.83
C PHE A 22 -20.72 0.29 10.26
N LYS A 23 -21.73 0.48 11.12
CA LYS A 23 -21.67 0.07 12.52
CA LYS A 23 -21.68 0.08 12.52
C LYS A 23 -22.74 -0.97 12.80
N ASN A 24 -22.33 -2.18 13.15
CA ASN A 24 -23.30 -3.26 13.41
C ASN A 24 -24.34 -2.86 14.45
N ASP A 25 -25.59 -3.19 14.18
CA ASP A 25 -26.67 -3.07 15.13
C ASP A 25 -27.88 -3.86 14.64
N LYS A 26 -28.02 -5.10 15.10
CA LYS A 26 -29.08 -5.98 14.62
C LYS A 26 -30.45 -5.49 15.10
N SER A 27 -30.44 -4.55 16.04
CA SER A 27 -31.67 -3.94 16.54
C SER A 27 -32.33 -3.11 15.43
N LYS A 28 -31.48 -2.47 14.64
CA LYS A 28 -31.92 -1.59 13.56
C LYS A 28 -31.81 -2.30 12.23
N THR A 29 -32.72 -1.96 11.31
CA THR A 29 -32.65 -2.47 9.95
C THR A 29 -31.26 -2.14 9.35
N TRP A 30 -30.74 -3.07 8.55
CA TRP A 30 -29.32 -3.00 8.13
C TRP A 30 -28.92 -1.67 7.51
N GLN A 31 -29.71 -1.20 6.53
CA GLN A 31 -29.45 0.03 5.78
CA GLN A 31 -29.38 0.01 5.78
C GLN A 31 -29.21 1.23 6.69
N ALA A 32 -29.82 1.18 7.88
CA ALA A 32 -29.82 2.31 8.79
C ALA A 32 -28.47 2.51 9.40
N ASN A 33 -27.59 1.52 9.24
CA ASN A 33 -26.31 1.52 9.96
C ASN A 33 -25.16 1.97 9.08
N LEU A 34 -25.51 2.40 7.88
CA LEU A 34 -24.54 2.76 6.87
C LEU A 34 -24.39 4.28 6.80
N ARG A 35 -23.15 4.75 6.71
CA ARG A 35 -22.91 6.18 6.49
C ARG A 35 -21.86 6.43 5.41
N LEU A 36 -22.16 7.33 4.49
CA LEU A 36 -21.20 7.83 3.54
C LEU A 36 -20.26 8.78 4.27
N ILE A 37 -18.96 8.52 4.17
CA ILE A 37 -17.96 9.37 4.79
C ILE A 37 -17.51 10.49 3.85
N SER A 38 -16.89 10.12 2.74
CA SER A 38 -16.40 11.11 1.78
C SER A 38 -16.07 10.47 0.45
N LYS A 39 -15.72 11.32 -0.53
CA LYS A 39 -15.41 10.90 -1.88
C LYS A 39 -14.06 11.48 -2.31
N PHE A 40 -13.42 10.87 -3.29
CA PHE A 40 -12.14 11.36 -3.81
C PHE A 40 -12.01 10.86 -5.24
N ASP A 41 -11.22 11.57 -6.03
CA ASP A 41 -11.05 11.22 -7.43
C ASP A 41 -9.62 11.52 -7.89
N THR A 42 -8.71 11.66 -6.94
CA THR A 42 -7.29 11.85 -7.25
C THR A 42 -6.41 10.97 -6.37
N VAL A 43 -5.18 10.73 -6.82
CA VAL A 43 -4.21 9.97 -6.06
C VAL A 43 -3.96 10.65 -4.71
N GLU A 44 -3.80 11.97 -4.75
CA GLU A 44 -3.49 12.75 -3.57
C GLU A 44 -4.56 12.63 -2.54
N ASP A 45 -5.81 12.72 -2.97
CA ASP A 45 -6.92 12.71 -2.01
C ASP A 45 -7.18 11.31 -1.45
N PHE A 46 -6.91 10.27 -2.25
CA PHE A 46 -6.92 8.91 -1.75
C PHE A 46 -5.96 8.78 -0.58
N TRP A 47 -4.71 9.19 -0.77
CA TRP A 47 -3.75 8.95 0.29
C TRP A 47 -3.99 9.82 1.49
N ALA A 48 -4.51 11.03 1.28
CA ALA A 48 -4.81 11.93 2.38
C ALA A 48 -5.86 11.28 3.28
N LEU A 49 -6.80 10.62 2.66
CA LEU A 49 -7.86 9.95 3.40
C LEU A 49 -7.31 8.71 4.11
N TYR A 50 -6.64 7.86 3.34
CA TYR A 50 -6.08 6.61 3.90
C TYR A 50 -5.14 6.90 5.07
N ASN A 51 -4.27 7.87 4.87
CA ASN A 51 -3.28 8.19 5.91
C ASN A 51 -3.92 8.79 7.17
N HIS A 52 -5.08 9.40 7.02
CA HIS A 52 -5.76 10.08 8.12
C HIS A 52 -6.52 9.08 8.99
N ILE A 53 -7.06 8.06 8.34
N ILE A 53 -7.17 8.11 8.35
CA ILE A 53 -7.70 6.97 9.06
CA ILE A 53 -8.21 7.33 9.03
C ILE A 53 -6.62 6.15 9.80
C ILE A 53 -7.73 6.06 9.72
N GLN A 54 -5.48 5.92 9.15
N GLN A 54 -8.56 5.57 10.64
CA GLN A 54 -4.39 5.18 9.80
CA GLN A 54 -8.23 4.39 11.41
C GLN A 54 -3.89 5.90 11.06
C GLN A 54 -8.03 3.16 10.52
N LEU A 55 -3.89 7.23 11.01
N LEU A 55 -7.01 2.37 10.84
CA LEU A 55 -3.29 8.04 12.06
CA LEU A 55 -6.78 1.11 10.15
C LEU A 55 -4.23 8.32 13.23
C LEU A 55 -7.91 0.12 10.43
N SER A 56 -5.49 8.61 12.92
N SER A 56 -8.20 -0.72 9.42
CA SER A 56 -6.43 9.09 13.94
CA SER A 56 -9.20 -1.76 9.56
C SER A 56 -7.54 8.10 14.32
C SER A 56 -8.97 -2.61 10.82
N SER A 57 -7.71 7.01 13.56
N SER A 57 -7.70 -2.89 11.11
CA SER A 57 -8.81 6.07 13.82
CA SER A 57 -7.33 -3.70 12.28
C SER A 57 -8.30 4.74 14.38
C SER A 57 -7.73 -3.06 13.59
N ASN A 58 -9.19 4.02 15.08
N ASN A 58 -7.96 -1.74 13.57
CA ASN A 58 -8.88 2.68 15.60
CA ASN A 58 -8.29 -1.00 14.78
C ASN A 58 -9.97 1.70 15.14
C ASN A 58 -9.78 -0.68 14.95
N LEU A 59 -9.57 0.49 14.77
N LEU A 59 -10.58 -0.97 13.93
CA LEU A 59 -10.54 -0.51 14.31
CA LEU A 59 -12.03 -0.79 14.04
C LEU A 59 -11.43 -0.92 15.46
C LEU A 59 -12.61 -1.70 15.09
N MET A 60 -12.62 -1.43 15.14
N MET A 60 -13.70 -1.24 15.70
CA MET A 60 -13.57 -1.88 16.14
CA MET A 60 -14.42 -2.01 16.69
C MET A 60 -14.51 -2.93 15.54
C MET A 60 -15.08 -3.21 16.02
N PRO A 61 -14.73 -4.06 16.24
N PRO A 61 -15.21 -4.34 16.73
CA PRO A 61 -15.56 -5.13 15.67
CA PRO A 61 -15.86 -5.53 16.17
C PRO A 61 -17.02 -4.76 15.43
C PRO A 61 -17.28 -5.22 15.73
N GLY A 62 -17.61 -5.45 14.46
CA GLY A 62 -18.96 -5.19 13.99
C GLY A 62 -19.00 -4.06 12.99
N CYS A 63 -17.88 -3.36 12.81
CA CYS A 63 -17.86 -2.25 11.88
C CYS A 63 -17.28 -2.68 10.50
N ASP A 64 -17.63 -1.91 9.46
CA ASP A 64 -17.13 -2.15 8.12
C ASP A 64 -16.68 -0.86 7.51
N TYR A 65 -15.71 -0.97 6.60
CA TYR A 65 -15.47 0.05 5.61
C TYR A 65 -15.85 -0.49 4.25
N SER A 66 -16.46 0.35 3.41
CA SER A 66 -16.66 0.01 2.00
C SER A 66 -16.14 1.11 1.13
N LEU A 67 -15.44 0.73 0.05
CA LEU A 67 -15.06 1.69 -0.96
C LEU A 67 -15.71 1.32 -2.27
N PHE A 68 -16.61 2.17 -2.73
CA PHE A 68 -17.37 1.89 -3.94
C PHE A 68 -17.31 3.03 -4.92
N LYS A 69 -17.44 2.69 -6.20
CA LYS A 69 -17.52 3.69 -7.23
C LYS A 69 -18.67 4.64 -6.95
N ASP A 70 -18.45 5.91 -7.24
CA ASP A 70 -19.44 6.95 -7.06
C ASP A 70 -20.76 6.59 -7.69
N GLY A 71 -21.82 6.64 -6.88
CA GLY A 71 -23.15 6.34 -7.36
C GLY A 71 -23.61 4.93 -7.07
N ILE A 72 -22.70 4.08 -6.58
CA ILE A 72 -23.07 2.73 -6.18
C ILE A 72 -23.06 2.61 -4.66
N GLU A 73 -24.21 2.38 -4.06
CA GLU A 73 -24.24 2.16 -2.62
C GLU A 73 -23.78 0.75 -2.31
N PRO A 74 -23.07 0.56 -1.18
CA PRO A 74 -22.43 -0.71 -0.87
C PRO A 74 -23.43 -1.70 -0.26
N MET A 75 -24.47 -1.99 -1.02
CA MET A 75 -25.52 -2.89 -0.57
C MET A 75 -26.07 -3.67 -1.76
N TRP A 76 -26.55 -4.88 -1.49
CA TRP A 76 -27.14 -5.75 -2.50
C TRP A 76 -28.23 -5.06 -3.33
N GLU A 77 -28.99 -4.19 -2.68
CA GLU A 77 -30.15 -3.52 -3.26
C GLU A 77 -29.85 -2.64 -4.46
N ASP A 78 -28.63 -2.13 -4.50
CA ASP A 78 -28.25 -1.22 -5.56
C ASP A 78 -28.38 -1.90 -6.91
N GLU A 79 -28.87 -1.16 -7.90
CA GLU A 79 -29.04 -1.68 -9.26
CA GLU A 79 -29.04 -1.69 -9.26
C GLU A 79 -27.76 -2.33 -9.77
N LYS A 80 -26.61 -1.79 -9.36
CA LYS A 80 -25.34 -2.28 -9.87
C LYS A 80 -24.85 -3.50 -9.10
N ASN A 81 -25.46 -3.82 -7.97
CA ASN A 81 -25.08 -4.99 -7.19
C ASN A 81 -26.09 -6.13 -7.20
N LYS A 82 -27.37 -5.83 -7.43
CA LYS A 82 -28.38 -6.84 -7.15
C LYS A 82 -28.17 -8.13 -8.00
N ARG A 83 -27.61 -8.01 -9.19
CA ARG A 83 -27.32 -9.17 -10.04
C ARG A 83 -25.88 -9.64 -9.91
N GLY A 84 -25.18 -9.06 -8.93
CA GLY A 84 -23.74 -9.27 -8.81
C GLY A 84 -23.38 -10.23 -7.69
N GLY A 85 -22.15 -10.10 -7.19
CA GLY A 85 -21.69 -11.04 -6.18
C GLY A 85 -20.33 -10.61 -5.70
N ARG A 86 -19.66 -11.46 -4.94
CA ARG A 86 -18.37 -11.05 -4.37
C ARG A 86 -17.36 -12.17 -4.26
N TRP A 87 -16.08 -11.82 -4.48
CA TRP A 87 -14.94 -12.66 -4.08
C TRP A 87 -14.68 -12.41 -2.62
N LEU A 88 -14.65 -13.47 -1.84
CA LEU A 88 -14.58 -13.34 -0.40
C LEU A 88 -13.29 -13.94 0.14
N ILE A 89 -12.55 -13.10 0.86
CA ILE A 89 -11.39 -13.52 1.63
C ILE A 89 -11.73 -13.55 3.13
N THR A 90 -11.64 -14.74 3.71
CA THR A 90 -11.88 -14.93 5.13
C THR A 90 -10.54 -15.07 5.85
N LEU A 91 -10.31 -14.17 6.80
CA LEU A 91 -9.10 -14.19 7.60
C LEU A 91 -9.30 -14.96 8.90
N ASN A 92 -8.25 -15.61 9.39
CA ASN A 92 -8.22 -16.21 10.71
CA ASN A 92 -8.31 -16.20 10.71
C ASN A 92 -8.02 -15.12 11.74
N LYS A 93 -8.21 -15.45 13.01
CA LYS A 93 -8.09 -14.44 14.05
C LYS A 93 -6.70 -13.81 14.11
N GLN A 94 -5.66 -14.58 13.83
CA GLN A 94 -4.30 -14.08 13.98
C GLN A 94 -3.89 -13.21 12.79
N GLN A 95 -4.59 -13.35 11.69
CA GLN A 95 -4.37 -12.49 10.52
C GLN A 95 -4.86 -11.07 10.74
N ARG A 96 -5.63 -10.83 11.80
CA ARG A 96 -6.00 -9.46 12.17
C ARG A 96 -4.75 -8.59 12.23
N ARG A 97 -3.71 -9.05 12.90
CA ARG A 97 -2.48 -8.28 12.99
C ARG A 97 -1.53 -8.64 11.84
N SER A 98 -0.94 -7.61 11.25
CA SER A 98 0.02 -7.76 10.15
C SER A 98 -0.42 -8.63 8.95
N ASP A 99 -1.74 -8.77 8.72
CA ASP A 99 -2.22 -9.18 7.40
C ASP A 99 -3.46 -8.40 6.98
N LEU A 100 -4.36 -8.12 7.91
CA LEU A 100 -5.59 -7.43 7.54
C LEU A 100 -5.33 -6.08 6.84
N ASP A 101 -4.46 -5.27 7.43
CA ASP A 101 -4.18 -3.96 6.89
C ASP A 101 -3.49 -4.04 5.52
N ARG A 102 -2.57 -4.99 5.36
CA ARG A 102 -1.91 -5.19 4.07
C ARG A 102 -2.91 -5.63 3.01
N PHE A 103 -3.75 -6.60 3.36
CA PHE A 103 -4.74 -7.08 2.41
C PHE A 103 -5.70 -5.96 2.03
N TRP A 104 -6.13 -5.17 3.01
CA TRP A 104 -7.07 -4.10 2.73
C TRP A 104 -6.44 -3.04 1.83
N LEU A 105 -5.21 -2.60 2.12
CA LEU A 105 -4.60 -1.59 1.28
C LEU A 105 -4.38 -2.12 -0.13
N GLU A 106 -3.88 -3.35 -0.25
CA GLU A 106 -3.68 -3.95 -1.57
C GLU A 106 -5.01 -4.01 -2.32
N THR A 107 -6.11 -4.29 -1.61
CA THR A 107 -7.43 -4.29 -2.24
C THR A 107 -7.85 -2.89 -2.71
N LEU A 108 -7.69 -1.89 -1.86
CA LEU A 108 -7.96 -0.49 -2.29
C LEU A 108 -7.16 -0.13 -3.54
N LEU A 109 -5.87 -0.50 -3.59
CA LEU A 109 -5.06 -0.16 -4.72
C LEU A 109 -5.51 -0.90 -5.99
N CYS A 110 -6.01 -2.14 -5.87
CA CYS A 110 -6.60 -2.86 -7.02
C CYS A 110 -7.78 -2.10 -7.57
N LEU A 111 -8.60 -1.54 -6.68
CA LEU A 111 -9.77 -0.77 -7.09
C LEU A 111 -9.35 0.53 -7.74
N ILE A 112 -8.64 1.39 -7.02
CA ILE A 112 -8.41 2.74 -7.54
C ILE A 112 -7.39 2.73 -8.68
N GLY A 113 -6.57 1.69 -8.75
CA GLY A 113 -5.63 1.53 -9.85
C GLY A 113 -6.14 0.73 -11.05
N GLU A 114 -7.38 0.30 -10.99
CA GLU A 114 -8.02 -0.38 -12.10
C GLU A 114 -7.18 -1.57 -12.57
N SER A 115 -6.84 -2.41 -11.60
CA SER A 115 -5.87 -3.47 -11.79
C SER A 115 -6.38 -4.62 -12.64
N PHE A 116 -7.67 -4.64 -12.96
CA PHE A 116 -8.24 -5.79 -13.67
C PHE A 116 -8.49 -5.44 -15.11
N ASP A 117 -7.82 -4.39 -15.56
CA ASP A 117 -7.80 -3.99 -16.96
C ASP A 117 -9.23 -3.79 -17.43
N ASP A 118 -9.62 -4.39 -18.54
CA ASP A 118 -10.95 -4.15 -19.08
CA ASP A 118 -10.95 -4.15 -19.07
C ASP A 118 -12.02 -4.63 -18.11
N TYR A 119 -11.71 -5.65 -17.33
CA TYR A 119 -12.69 -6.19 -16.40
C TYR A 119 -12.90 -5.30 -15.18
N SER A 120 -12.04 -4.32 -14.95
CA SER A 120 -12.23 -3.46 -13.79
C SER A 120 -13.59 -2.77 -13.86
N ASP A 121 -14.15 -2.68 -15.06
CA ASP A 121 -15.47 -2.08 -15.23
C ASP A 121 -16.58 -2.83 -14.51
N ASP A 122 -16.45 -4.15 -14.43
CA ASP A 122 -17.37 -5.01 -13.67
C ASP A 122 -17.22 -4.83 -12.16
N VAL A 123 -16.17 -4.16 -11.70
CA VAL A 123 -15.95 -4.00 -10.28
C VAL A 123 -16.86 -2.92 -9.73
N CYS A 124 -17.53 -3.19 -8.61
CA CYS A 124 -18.38 -2.19 -7.97
C CYS A 124 -17.66 -1.52 -6.80
N GLY A 125 -17.00 -2.35 -5.99
CA GLY A 125 -16.30 -1.84 -4.82
C GLY A 125 -15.72 -2.97 -4.02
N ALA A 126 -15.33 -2.65 -2.79
CA ALA A 126 -14.74 -3.63 -1.91
C ALA A 126 -15.23 -3.33 -0.50
N VAL A 127 -15.30 -4.39 0.32
CA VAL A 127 -15.80 -4.27 1.70
C VAL A 127 -14.87 -5.01 2.67
N VAL A 128 -14.53 -4.36 3.77
CA VAL A 128 -13.89 -5.06 4.86
C VAL A 128 -14.81 -5.11 6.08
N ASN A 129 -15.02 -6.33 6.57
CA ASN A 129 -15.77 -6.58 7.79
C ASN A 129 -14.80 -6.95 8.91
N VAL A 130 -14.82 -6.17 9.98
CA VAL A 130 -14.06 -6.46 11.17
C VAL A 130 -14.96 -7.25 12.12
N ARG A 131 -14.63 -8.52 12.35
CA ARG A 131 -15.47 -9.38 13.18
C ARG A 131 -14.62 -10.20 14.18
N ALA A 132 -15.10 -10.41 15.39
CA ALA A 132 -14.36 -11.25 16.31
C ALA A 132 -14.22 -12.67 15.77
N LYS A 133 -15.16 -13.08 14.94
CA LYS A 133 -15.18 -14.43 14.40
C LYS A 133 -14.06 -14.70 13.38
N GLY A 134 -13.67 -13.67 12.60
CA GLY A 134 -12.66 -13.82 11.56
C GLY A 134 -12.97 -12.77 10.52
N ASP A 135 -12.02 -11.86 10.31
CA ASP A 135 -12.26 -10.71 9.45
C ASP A 135 -12.50 -11.18 8.03
N LYS A 136 -13.15 -10.32 7.27
CA LYS A 136 -13.44 -10.60 5.89
C LYS A 136 -13.17 -9.39 5.02
N ILE A 137 -12.59 -9.67 3.86
CA ILE A 137 -12.45 -8.69 2.80
C ILE A 137 -13.06 -9.26 1.52
N ALA A 138 -13.75 -8.40 0.76
CA ALA A 138 -14.40 -8.83 -0.45
C ALA A 138 -14.39 -7.77 -1.53
N ILE A 139 -14.27 -8.23 -2.78
CA ILE A 139 -14.48 -7.36 -3.94
C ILE A 139 -15.81 -7.75 -4.57
N TRP A 140 -16.67 -6.74 -4.68
CA TRP A 140 -17.99 -6.86 -5.25
C TRP A 140 -17.96 -6.53 -6.74
N THR A 141 -18.61 -7.37 -7.56
CA THR A 141 -18.72 -7.14 -8.99
C THR A 141 -20.20 -7.19 -9.41
N THR A 142 -20.48 -6.78 -10.64
CA THR A 142 -21.82 -6.34 -11.00
C THR A 142 -22.67 -7.46 -11.61
N GLU A 143 -22.05 -8.50 -12.14
CA GLU A 143 -22.78 -9.59 -12.81
CA GLU A 143 -22.77 -9.58 -12.82
C GLU A 143 -22.24 -10.96 -12.42
N CYS A 144 -22.97 -11.67 -11.57
CA CYS A 144 -22.49 -12.94 -11.02
C CYS A 144 -22.46 -14.07 -12.07
N GLU A 145 -23.06 -13.85 -13.23
CA GLU A 145 -23.10 -14.89 -14.26
C GLU A 145 -22.02 -14.71 -15.32
N ASN A 146 -21.28 -13.61 -15.23
CA ASN A 146 -20.19 -13.35 -16.16
C ASN A 146 -18.94 -14.09 -15.71
N ARG A 147 -18.87 -15.37 -16.03
CA ARG A 147 -17.78 -16.24 -15.59
C ARG A 147 -16.41 -15.70 -15.98
N GLU A 148 -16.30 -15.23 -17.22
CA GLU A 148 -15.03 -14.72 -17.74
C GLU A 148 -14.53 -13.57 -16.86
N ALA A 149 -15.38 -12.58 -16.69
CA ALA A 149 -15.03 -11.37 -15.93
C ALA A 149 -14.74 -11.73 -14.49
N VAL A 150 -15.64 -12.51 -13.92
CA VAL A 150 -15.53 -12.84 -12.51
C VAL A 150 -14.26 -13.64 -12.22
N THR A 151 -13.97 -14.66 -13.03
CA THR A 151 -12.82 -15.51 -12.72
C THR A 151 -11.53 -14.74 -13.00
N HIS A 152 -11.52 -13.89 -14.02
CA HIS A 152 -10.35 -13.03 -14.27
C HIS A 152 -10.04 -12.14 -13.07
N ILE A 153 -11.07 -11.48 -12.57
CA ILE A 153 -10.92 -10.60 -11.41
C ILE A 153 -10.43 -11.41 -10.20
N GLY A 154 -11.02 -12.58 -9.99
CA GLY A 154 -10.62 -13.44 -8.88
C GLY A 154 -9.18 -13.90 -8.95
N ARG A 155 -8.75 -14.34 -10.13
CA ARG A 155 -7.37 -14.83 -10.32
C ARG A 155 -6.35 -13.72 -10.06
N VAL A 156 -6.60 -12.55 -10.64
CA VAL A 156 -5.69 -11.42 -10.46
C VAL A 156 -5.68 -10.98 -9.01
N TYR A 157 -6.84 -10.95 -8.38
CA TYR A 157 -6.95 -10.49 -7.00
C TYR A 157 -6.21 -11.42 -6.04
N LYS A 158 -6.42 -12.73 -6.19
CA LYS A 158 -5.75 -13.69 -5.33
C LYS A 158 -4.24 -13.58 -5.47
N GLU A 159 -3.77 -13.41 -6.72
CA GLU A 159 -2.33 -13.27 -6.96
C GLU A 159 -1.80 -11.97 -6.38
N ARG A 160 -2.56 -10.91 -6.52
CA ARG A 160 -2.11 -9.61 -6.04
CA ARG A 160 -2.11 -9.62 -6.05
C ARG A 160 -1.91 -9.64 -4.53
N LEU A 161 -2.77 -10.37 -3.81
CA LEU A 161 -2.63 -10.45 -2.37
CA LEU A 161 -2.66 -10.50 -2.37
C LEU A 161 -1.63 -11.54 -1.93
N GLY A 162 -1.14 -12.33 -2.88
CA GLY A 162 -0.09 -13.30 -2.56
C GLY A 162 -0.55 -14.46 -1.69
N LEU A 163 -1.83 -14.77 -1.76
CA LEU A 163 -2.35 -15.93 -1.05
C LEU A 163 -1.66 -17.21 -1.57
N PRO A 164 -1.36 -18.15 -0.66
CA PRO A 164 -0.81 -19.42 -1.12
C PRO A 164 -1.81 -20.11 -2.04
N PRO A 165 -1.32 -20.82 -3.07
CA PRO A 165 -2.25 -21.48 -3.99
C PRO A 165 -3.30 -22.34 -3.29
N LYS A 166 -2.92 -23.02 -2.22
CA LYS A 166 -3.87 -23.92 -1.56
C LYS A 166 -4.89 -23.20 -0.69
N ILE A 167 -4.76 -21.89 -0.53
CA ILE A 167 -5.83 -21.11 0.06
C ILE A 167 -6.82 -20.74 -1.04
N VAL A 168 -7.91 -21.48 -1.08
CA VAL A 168 -8.95 -21.35 -2.10
C VAL A 168 -9.99 -20.31 -1.67
N ILE A 169 -10.30 -19.36 -2.56
CA ILE A 169 -11.27 -18.30 -2.25
C ILE A 169 -12.52 -18.49 -3.13
N GLY A 170 -13.66 -18.04 -2.62
CA GLY A 170 -14.93 -18.29 -3.28
C GLY A 170 -15.64 -17.02 -3.74
N TYR A 171 -16.38 -17.16 -4.83
CA TYR A 171 -17.26 -16.11 -5.33
C TYR A 171 -18.71 -16.51 -5.05
N GLN A 172 -19.39 -15.70 -4.24
CA GLN A 172 -20.83 -15.86 -3.95
C GLN A 172 -21.70 -14.86 -4.70
N SER A 173 -22.84 -15.31 -5.22
CA SER A 173 -23.84 -14.41 -5.77
CA SER A 173 -23.83 -14.39 -5.77
C SER A 173 -24.58 -13.73 -4.61
N HIS A 174 -24.88 -12.44 -4.74
CA HIS A 174 -25.59 -11.72 -3.68
C HIS A 174 -26.99 -12.29 -3.51
N ALA A 175 -27.54 -12.80 -4.59
CA ALA A 175 -28.90 -13.35 -4.51
C ALA A 175 -28.93 -14.57 -3.59
N ASP A 176 -27.90 -15.40 -3.66
CA ASP A 176 -27.79 -16.54 -2.74
C ASP A 176 -27.51 -16.07 -1.32
N THR A 177 -26.61 -15.09 -1.21
CA THR A 177 -26.26 -14.61 0.12
C THR A 177 -27.50 -14.05 0.81
N ALA A 178 -28.31 -13.31 0.09
CA ALA A 178 -29.47 -12.65 0.70
C ALA A 178 -30.47 -13.65 1.25
N THR A 179 -30.37 -14.91 0.82
CA THR A 179 -31.28 -15.96 1.28
C THR A 179 -30.57 -17.03 2.12
N LYS A 180 -29.31 -16.78 2.49
CA LYS A 180 -28.59 -17.63 3.46
C LYS A 180 -27.59 -16.79 4.28
N SER A 181 -26.30 -17.14 4.26
CA SER A 181 -25.30 -16.43 5.07
C SER A 181 -23.92 -16.61 4.45
N GLY A 182 -23.13 -15.54 4.43
CA GLY A 182 -21.87 -15.53 3.72
C GLY A 182 -20.92 -16.66 4.07
N SER A 183 -21.19 -17.30 5.21
CA SER A 183 -20.44 -18.47 5.65
C SER A 183 -21.00 -19.74 5.03
N THR A 184 -22.32 -19.94 5.15
CA THR A 184 -22.96 -21.14 4.62
C THR A 184 -23.42 -20.93 3.18
N THR A 185 -23.08 -19.79 2.58
CA THR A 185 -23.40 -19.55 1.17
C THR A 185 -22.50 -20.39 0.29
N LYS A 186 -23.09 -21.19 -0.58
CA LYS A 186 -22.32 -21.97 -1.53
C LYS A 186 -21.76 -21.03 -2.61
N ASN A 187 -20.67 -21.45 -3.23
CA ASN A 187 -19.97 -20.62 -4.20
C ASN A 187 -20.40 -20.90 -5.62
N ARG A 188 -20.42 -19.85 -6.44
CA ARG A 188 -20.51 -20.03 -7.88
C ARG A 188 -19.14 -20.40 -8.47
N PHE A 189 -18.07 -19.77 -7.99
CA PHE A 189 -16.71 -20.02 -8.50
C PHE A 189 -15.70 -20.09 -7.38
N VAL A 190 -14.58 -20.77 -7.63
CA VAL A 190 -13.43 -20.70 -6.74
C VAL A 190 -12.17 -20.43 -7.55
N VAL A 191 -11.17 -19.84 -6.90
CA VAL A 191 -9.84 -19.74 -7.51
C VAL A 191 -8.78 -19.84 -6.43
N ILE B 9 0.27 -9.48 -20.80
CA ILE B 9 -0.05 -10.30 -19.63
C ILE B 9 0.31 -9.49 -18.38
N LYS B 10 1.60 -9.22 -18.17
CA LYS B 10 2.02 -8.49 -16.97
C LYS B 10 2.03 -7.01 -17.28
N HIS B 11 2.12 -6.22 -16.23
CA HIS B 11 2.09 -4.76 -16.35
C HIS B 11 3.47 -4.18 -16.05
N PRO B 12 4.18 -3.76 -17.10
CA PRO B 12 5.51 -3.19 -16.90
C PRO B 12 5.53 -1.97 -16.02
N LEU B 13 6.59 -1.82 -15.24
CA LEU B 13 6.92 -0.55 -14.59
C LEU B 13 7.76 0.30 -15.52
N GLN B 14 7.86 1.60 -15.24
CA GLN B 14 8.71 2.46 -16.06
C GLN B 14 10.18 2.08 -15.95
N ASN B 15 10.59 1.65 -14.76
CA ASN B 15 11.95 1.28 -14.50
C ASN B 15 12.09 -0.13 -13.95
N ARG B 16 13.27 -0.71 -14.14
CA ARG B 16 13.63 -1.95 -13.48
CA ARG B 16 13.63 -1.95 -13.48
C ARG B 16 14.26 -1.58 -12.15
N TRP B 17 13.93 -2.34 -11.11
CA TRP B 17 14.38 -2.05 -9.74
C TRP B 17 15.07 -3.26 -9.13
N ALA B 18 15.98 -2.99 -8.20
CA ALA B 18 16.67 -4.04 -7.45
C ALA B 18 16.46 -3.84 -5.95
N LEU B 19 16.10 -4.92 -5.26
CA LEU B 19 16.05 -4.95 -3.80
C LEU B 19 17.36 -5.49 -3.25
N TRP B 20 17.94 -4.70 -2.36
CA TRP B 20 19.17 -4.99 -1.64
C TRP B 20 18.91 -5.14 -0.15
N PHE B 21 19.70 -6.00 0.46
CA PHE B 21 19.70 -6.21 1.89
C PHE B 21 21.09 -5.94 2.44
N PHE B 22 21.16 -5.38 3.64
CA PHE B 22 22.42 -5.18 4.32
C PHE B 22 22.36 -5.96 5.62
N LYS B 23 23.31 -6.86 5.81
CA LYS B 23 23.37 -7.67 7.02
C LYS B 23 24.46 -7.12 7.92
N ASN B 24 24.15 -7.00 9.20
CA ASN B 24 25.08 -6.41 10.14
C ASN B 24 26.19 -7.38 10.57
N ASP B 25 27.32 -7.32 9.87
CA ASP B 25 28.53 -8.04 10.26
C ASP B 25 29.66 -7.04 10.37
N LYS B 26 29.91 -6.56 11.59
CA LYS B 26 30.88 -5.50 11.82
C LYS B 26 32.32 -5.94 11.62
N SER B 27 32.54 -7.25 11.53
CA SER B 27 33.88 -7.76 11.30
C SER B 27 34.26 -7.61 9.83
N LYS B 28 33.28 -7.21 9.02
CA LYS B 28 33.50 -7.05 7.59
C LYS B 28 33.32 -5.60 7.16
N THR B 29 34.04 -5.22 6.10
CA THR B 29 33.90 -3.89 5.54
C THR B 29 32.46 -3.67 5.08
N TRP B 30 31.99 -2.42 5.13
CA TRP B 30 30.60 -2.10 4.83
C TRP B 30 30.13 -2.69 3.50
N GLN B 31 30.94 -2.50 2.47
CA GLN B 31 30.52 -2.90 1.12
CA GLN B 31 30.62 -2.92 1.10
C GLN B 31 30.35 -4.41 1.00
N ALA B 32 31.11 -5.17 1.78
CA ALA B 32 31.08 -6.65 1.70
C ALA B 32 29.78 -7.19 2.28
N ASN B 33 29.03 -6.34 2.98
CA ASN B 33 27.80 -6.77 3.64
C ASN B 33 26.55 -6.55 2.77
N LEU B 34 26.72 -5.91 1.62
CA LEU B 34 25.59 -5.67 0.72
C LEU B 34 25.23 -6.96 -0.03
N ARG B 35 23.93 -7.22 -0.12
CA ARG B 35 23.41 -8.35 -0.87
C ARG B 35 22.34 -7.90 -1.82
N LEU B 36 22.45 -8.35 -3.06
CA LEU B 36 21.38 -8.15 -4.04
C LEU B 36 20.40 -9.29 -3.90
N ILE B 37 19.16 -8.97 -3.53
CA ILE B 37 18.15 -10.02 -3.33
CA ILE B 37 18.11 -9.99 -3.32
C ILE B 37 17.48 -10.41 -4.65
N SER B 38 16.89 -9.45 -5.36
CA SER B 38 16.34 -9.76 -6.68
C SER B 38 15.92 -8.49 -7.37
N LYS B 39 15.61 -8.63 -8.66
CA LYS B 39 15.18 -7.51 -9.48
C LYS B 39 13.79 -7.77 -10.05
N PHE B 40 13.08 -6.68 -10.34
CA PHE B 40 11.78 -6.79 -10.98
C PHE B 40 11.51 -5.58 -11.85
N ASP B 41 10.58 -5.73 -12.81
CA ASP B 41 10.20 -4.62 -13.67
C ASP B 41 8.75 -4.67 -14.08
N THR B 42 7.93 -5.37 -13.28
CA THR B 42 6.49 -5.36 -13.46
C THR B 42 5.78 -5.16 -12.13
N VAL B 43 4.53 -4.73 -12.19
CA VAL B 43 3.67 -4.61 -11.02
C VAL B 43 3.54 -5.96 -10.29
N GLU B 44 3.28 -7.01 -11.06
CA GLU B 44 3.10 -8.35 -10.51
C GLU B 44 4.32 -8.82 -9.74
N ASP B 45 5.51 -8.60 -10.32
CA ASP B 45 6.70 -9.09 -9.68
C ASP B 45 7.09 -8.25 -8.46
N PHE B 46 6.77 -6.95 -8.48
CA PHE B 46 6.91 -6.13 -7.26
C PHE B 46 6.08 -6.74 -6.12
N TRP B 47 4.78 -6.94 -6.32
CA TRP B 47 3.98 -7.47 -5.21
C TRP B 47 4.36 -8.90 -4.81
N ALA B 48 4.78 -9.72 -5.78
CA ALA B 48 5.19 -11.10 -5.44
C ALA B 48 6.36 -11.06 -4.47
N LEU B 49 7.26 -10.11 -4.68
CA LEU B 49 8.39 -9.93 -3.81
C LEU B 49 7.98 -9.35 -2.45
N TYR B 50 7.27 -8.22 -2.48
CA TYR B 50 6.86 -7.53 -1.26
C TYR B 50 6.01 -8.47 -0.38
N ASN B 51 5.09 -9.21 -0.99
CA ASN B 51 4.20 -10.05 -0.20
C ASN B 51 4.88 -11.27 0.46
N HIS B 52 6.12 -11.55 0.08
CA HIS B 52 6.78 -12.78 0.56
C HIS B 52 8.17 -12.55 1.16
N ILE B 53 8.48 -11.32 1.52
CA ILE B 53 9.72 -11.05 2.27
C ILE B 53 9.42 -10.43 3.61
N GLN B 54 10.38 -10.55 4.51
CA GLN B 54 10.24 -10.02 5.86
CA GLN B 54 10.23 -10.02 5.86
C GLN B 54 9.96 -8.53 5.85
N LEU B 55 9.02 -8.12 6.71
CA LEU B 55 8.73 -6.71 6.88
C LEU B 55 9.88 -5.97 7.54
N SER B 56 9.98 -4.68 7.27
CA SER B 56 10.98 -3.84 7.90
CA SER B 56 10.99 -3.85 7.90
C SER B 56 10.86 -3.93 9.42
N SER B 57 9.62 -3.98 9.90
CA SER B 57 9.34 -4.06 11.32
C SER B 57 9.82 -5.37 11.98
N ASN B 58 10.32 -6.31 11.17
CA ASN B 58 10.83 -7.59 11.69
C ASN B 58 12.30 -7.81 11.34
N LEU B 59 12.95 -6.79 10.82
CA LEU B 59 14.38 -6.86 10.55
C LEU B 59 15.17 -6.73 11.84
N MET B 60 16.30 -7.42 11.88
CA MET B 60 17.18 -7.36 13.03
C MET B 60 17.87 -6.00 13.07
N PRO B 61 18.20 -5.53 14.28
CA PRO B 61 18.92 -4.27 14.43
C PRO B 61 20.19 -4.24 13.59
N GLY B 62 20.43 -3.14 12.90
CA GLY B 62 21.65 -2.97 12.10
C GLY B 62 21.46 -3.38 10.65
N CYS B 63 20.29 -3.92 10.33
CA CYS B 63 20.01 -4.29 8.96
C CYS B 63 19.29 -3.20 8.17
N ASP B 64 19.49 -3.24 6.85
CA ASP B 64 18.82 -2.35 5.89
C ASP B 64 18.15 -3.09 4.75
N TYR B 65 17.07 -2.50 4.25
CA TYR B 65 16.61 -2.73 2.89
C TYR B 65 16.86 -1.51 2.05
N SER B 66 17.20 -1.70 0.79
CA SER B 66 17.32 -0.62 -0.18
C SER B 66 16.64 -1.05 -1.46
N LEU B 67 15.88 -0.15 -2.09
CA LEU B 67 15.33 -0.41 -3.41
C LEU B 67 15.89 0.66 -4.32
N PHE B 68 16.68 0.25 -5.31
CA PHE B 68 17.34 1.19 -6.22
C PHE B 68 17.12 0.84 -7.67
N LYS B 69 17.13 1.85 -8.53
CA LYS B 69 17.01 1.57 -9.94
C LYS B 69 18.11 0.62 -10.40
N ASP B 70 17.76 -0.27 -11.34
CA ASP B 70 18.73 -1.20 -11.92
C ASP B 70 20.02 -0.51 -12.30
N GLY B 71 21.14 -1.00 -11.79
CA GLY B 71 22.44 -0.50 -12.14
C GLY B 71 22.99 0.54 -11.18
N ILE B 72 22.18 0.99 -10.25
CA ILE B 72 22.64 1.89 -9.22
C ILE B 72 22.75 1.12 -7.93
N GLU B 73 23.97 0.99 -7.42
CA GLU B 73 24.14 0.32 -6.14
C GLU B 73 23.83 1.29 -5.01
N PRO B 74 23.32 0.77 -3.89
CA PRO B 74 22.77 1.60 -2.81
C PRO B 74 23.87 2.11 -1.92
N MET B 75 24.82 2.81 -2.52
CA MET B 75 25.98 3.30 -1.78
C MET B 75 26.41 4.65 -2.36
N TRP B 76 26.98 5.49 -1.50
CA TRP B 76 27.41 6.85 -1.89
C TRP B 76 28.33 6.86 -3.13
N GLU B 77 29.21 5.86 -3.22
CA GLU B 77 30.25 5.73 -4.24
C GLU B 77 29.76 5.58 -5.67
N ASP B 78 28.54 5.09 -5.83
CA ASP B 78 28.01 4.89 -7.14
C ASP B 78 28.01 6.21 -7.88
N GLU B 79 28.33 6.17 -9.16
CA GLU B 79 28.34 7.37 -9.97
C GLU B 79 27.04 8.17 -9.87
N LYS B 80 25.91 7.47 -9.70
CA LYS B 80 24.63 8.17 -9.67
C LYS B 80 24.27 8.72 -8.28
N ASN B 81 25.03 8.35 -7.26
CA ASN B 81 24.81 8.85 -5.91
C ASN B 81 25.85 9.82 -5.37
N LYS B 82 27.06 9.81 -5.88
CA LYS B 82 28.11 10.53 -5.16
C LYS B 82 27.91 12.08 -5.14
N ARG B 83 27.20 12.65 -6.11
CA ARG B 83 26.88 14.09 -6.11
C ARG B 83 25.47 14.34 -5.57
N GLY B 84 24.88 13.30 -5.01
CA GLY B 84 23.48 13.33 -4.59
C GLY B 84 23.29 13.43 -3.09
N GLY B 85 22.11 13.03 -2.64
CA GLY B 85 21.78 13.16 -1.25
C GLY B 85 20.44 12.50 -1.00
N ARG B 86 19.92 12.74 0.19
CA ARG B 86 18.70 12.04 0.61
C ARG B 86 17.73 12.93 1.36
N TRP B 87 16.42 12.65 1.17
CA TRP B 87 15.36 13.15 2.03
C TRP B 87 15.20 12.14 3.13
N LEU B 88 15.47 12.55 4.36
CA LEU B 88 15.51 11.65 5.52
C LEU B 88 14.31 11.81 6.44
N ILE B 89 13.64 10.68 6.69
CA ILE B 89 12.64 10.56 7.73
C ILE B 89 13.24 9.82 8.91
N THR B 90 13.34 10.52 10.04
CA THR B 90 13.80 9.95 11.29
C THR B 90 12.60 9.60 12.14
N LEU B 91 12.34 8.32 12.32
CA LEU B 91 11.13 7.89 13.05
C LEU B 91 11.31 8.01 14.56
N ASN B 92 10.32 8.59 15.23
CA ASN B 92 10.26 8.53 16.69
C ASN B 92 9.66 7.20 17.12
N LYS B 93 9.55 6.97 18.42
CA LYS B 93 9.18 5.65 18.91
C LYS B 93 7.73 5.32 18.55
N GLN B 94 6.88 6.34 18.55
CA GLN B 94 5.49 6.11 18.17
C GLN B 94 5.42 5.74 16.68
N GLN B 95 6.22 6.41 15.86
CA GLN B 95 6.24 6.12 14.44
C GLN B 95 6.79 4.73 14.17
N ARG B 96 7.81 4.35 14.95
CA ARG B 96 8.44 3.05 14.76
C ARG B 96 7.43 1.95 14.97
N ARG B 97 6.61 2.15 16.01
CA ARG B 97 5.63 1.15 16.40
C ARG B 97 4.49 1.02 15.39
N SER B 98 3.94 2.13 14.91
CA SER B 98 2.69 2.05 14.16
C SER B 98 2.81 2.48 12.69
N ASP B 99 3.93 3.08 12.30
CA ASP B 99 4.03 3.65 10.95
C ASP B 99 5.17 3.08 10.08
N LEU B 100 6.10 2.34 10.67
CA LEU B 100 7.29 1.93 9.94
C LEU B 100 6.97 1.21 8.62
N ASP B 101 6.19 0.14 8.70
CA ASP B 101 5.86 -0.64 7.51
C ASP B 101 5.04 0.20 6.52
N ARG B 102 4.14 1.04 7.02
CA ARG B 102 3.35 1.89 6.11
C ARG B 102 4.25 2.87 5.37
N PHE B 103 5.12 3.58 6.09
CA PHE B 103 6.03 4.50 5.43
C PHE B 103 6.90 3.78 4.38
N TRP B 104 7.37 2.57 4.71
CA TRP B 104 8.28 1.90 3.78
C TRP B 104 7.50 1.50 2.52
N LEU B 105 6.31 0.95 2.66
CA LEU B 105 5.55 0.57 1.47
C LEU B 105 5.17 1.81 0.66
N GLU B 106 4.76 2.88 1.33
CA GLU B 106 4.35 4.09 0.61
C GLU B 106 5.57 4.71 -0.11
N THR B 107 6.75 4.58 0.48
CA THR B 107 8.00 4.98 -0.17
C THR B 107 8.28 4.12 -1.41
N LEU B 108 8.17 2.80 -1.30
CA LEU B 108 8.37 1.88 -2.45
C LEU B 108 7.41 2.27 -3.55
N LEU B 109 6.17 2.60 -3.18
CA LEU B 109 5.19 2.93 -4.20
C LEU B 109 5.50 4.27 -4.89
N CYS B 110 6.10 5.22 -4.18
CA CYS B 110 6.54 6.47 -4.79
C CYS B 110 7.60 6.19 -5.84
N LEU B 111 8.49 5.25 -5.53
CA LEU B 111 9.55 4.85 -6.44
C LEU B 111 9.00 4.18 -7.69
N ILE B 112 8.35 3.02 -7.52
CA ILE B 112 7.99 2.23 -8.68
C ILE B 112 6.86 2.90 -9.45
N GLY B 113 6.08 3.72 -8.76
CA GLY B 113 5.03 4.44 -9.43
C GLY B 113 5.43 5.79 -10.03
N GLU B 114 6.70 6.17 -9.90
CA GLU B 114 7.22 7.37 -10.49
C GLU B 114 6.36 8.58 -10.07
N SER B 115 6.18 8.73 -8.76
CA SER B 115 5.18 9.65 -8.21
C SER B 115 5.58 11.13 -8.28
N PHE B 116 6.80 11.40 -8.71
CA PHE B 116 7.30 12.78 -8.70
C PHE B 116 7.36 13.35 -10.11
N ASP B 117 6.60 12.73 -11.01
CA ASP B 117 6.46 13.20 -12.39
C ASP B 117 7.86 13.28 -13.04
N ASP B 118 8.13 14.37 -13.75
CA ASP B 118 9.44 14.53 -14.41
C ASP B 118 10.59 14.37 -13.43
N TYR B 119 10.38 14.78 -12.18
CA TYR B 119 11.44 14.81 -11.21
C TYR B 119 11.77 13.42 -10.67
N SER B 120 10.93 12.43 -10.97
CA SER B 120 11.23 11.05 -10.56
C SER B 120 12.51 10.55 -11.22
N ASP B 121 12.92 11.17 -12.32
CA ASP B 121 14.16 10.75 -12.99
C ASP B 121 15.39 10.99 -12.12
N ASP B 122 15.28 11.96 -11.21
CA ASP B 122 16.33 12.25 -10.23
C ASP B 122 16.42 11.23 -9.08
N VAL B 123 15.35 10.47 -8.88
CA VAL B 123 15.36 9.47 -7.83
C VAL B 123 16.30 8.32 -8.17
N CYS B 124 17.13 7.95 -7.21
CA CYS B 124 17.99 6.79 -7.37
C CYS B 124 17.41 5.56 -6.71
N GLY B 125 16.87 5.76 -5.50
CA GLY B 125 16.30 4.67 -4.75
C GLY B 125 15.89 5.10 -3.35
N ALA B 126 15.64 4.12 -2.49
CA ALA B 126 15.29 4.37 -1.12
C ALA B 126 15.92 3.35 -0.19
N VAL B 127 16.05 3.75 1.06
CA VAL B 127 16.69 2.94 2.09
C VAL B 127 15.92 2.99 3.39
N VAL B 128 15.69 1.84 4.02
CA VAL B 128 15.26 1.82 5.40
C VAL B 128 16.36 1.19 6.26
N ASN B 129 16.76 1.95 7.29
CA ASN B 129 17.70 1.51 8.31
C ASN B 129 16.97 1.15 9.58
N VAL B 130 17.14 -0.09 10.05
CA VAL B 130 16.60 -0.50 11.33
C VAL B 130 17.72 -0.48 12.35
N ARG B 131 17.58 0.38 13.36
CA ARG B 131 18.62 0.61 14.37
C ARG B 131 17.98 0.73 15.74
N ALA B 132 18.67 0.25 16.77
CA ALA B 132 18.18 0.37 18.14
C ALA B 132 17.93 1.84 18.49
N LYS B 133 18.82 2.72 18.02
CA LYS B 133 18.76 4.14 18.36
C LYS B 133 17.58 4.83 17.70
N GLY B 134 17.05 4.21 16.65
CA GLY B 134 15.96 4.78 15.89
C GLY B 134 15.99 4.40 14.44
N ASP B 135 14.81 4.14 13.88
CA ASP B 135 14.70 3.79 12.48
C ASP B 135 14.66 5.01 11.57
N LYS B 136 15.14 4.80 10.36
CA LYS B 136 15.22 5.83 9.33
C LYS B 136 14.74 5.30 7.99
N ILE B 137 14.02 6.17 7.29
CA ILE B 137 13.65 5.92 5.91
C ILE B 137 14.02 7.13 5.05
N ALA B 138 14.57 6.86 3.87
CA ALA B 138 15.06 7.96 3.05
C ALA B 138 14.91 7.68 1.57
N ILE B 139 14.68 8.74 0.79
CA ILE B 139 14.73 8.66 -0.66
C ILE B 139 16.02 9.35 -1.09
N TRP B 140 16.81 8.63 -1.87
CA TRP B 140 18.08 9.11 -2.42
C TRP B 140 17.87 9.67 -3.81
N THR B 141 18.45 10.84 -4.07
CA THR B 141 18.40 11.46 -5.39
C THR B 141 19.80 11.76 -5.88
N THR B 142 19.92 12.04 -7.17
CA THR B 142 21.19 11.94 -7.87
C THR B 142 22.02 13.22 -7.83
N GLU B 143 21.40 14.38 -7.60
CA GLU B 143 22.13 15.66 -7.64
CA GLU B 143 22.08 15.66 -7.70
C GLU B 143 21.60 16.61 -6.59
N CYS B 144 22.43 16.90 -5.60
CA CYS B 144 21.98 17.72 -4.48
C CYS B 144 21.82 19.18 -4.92
N GLU B 145 22.41 19.58 -6.06
CA GLU B 145 22.29 20.96 -6.54
C GLU B 145 21.15 21.16 -7.52
N ASN B 146 20.39 20.10 -7.78
CA ASN B 146 19.18 20.24 -8.57
C ASN B 146 18.04 20.71 -7.66
N ARG B 147 18.05 21.99 -7.28
CA ARG B 147 17.14 22.52 -6.26
C ARG B 147 15.68 22.31 -6.60
N GLU B 148 15.32 22.57 -7.83
CA GLU B 148 13.92 22.44 -8.22
C GLU B 148 13.46 21.00 -8.00
N ALA B 149 14.24 20.04 -8.48
CA ALA B 149 13.84 18.64 -8.37
C ALA B 149 13.84 18.20 -6.92
N VAL B 150 14.89 18.55 -6.19
CA VAL B 150 15.02 18.14 -4.81
C VAL B 150 13.86 18.66 -3.98
N THR B 151 13.53 19.93 -4.16
CA THR B 151 12.48 20.55 -3.36
C THR B 151 11.12 19.95 -3.74
N HIS B 152 10.90 19.73 -5.02
CA HIS B 152 9.63 19.14 -5.48
C HIS B 152 9.47 17.74 -4.88
N ILE B 153 10.52 16.92 -4.95
CA ILE B 153 10.44 15.55 -4.43
C ILE B 153 10.12 15.55 -2.93
N GLY B 154 10.76 16.45 -2.20
CA GLY B 154 10.62 16.49 -0.77
C GLY B 154 9.18 16.82 -0.38
N ARG B 155 8.63 17.82 -1.04
CA ARG B 155 7.30 18.31 -0.69
C ARG B 155 6.28 17.21 -0.96
N VAL B 156 6.36 16.61 -2.14
CA VAL B 156 5.42 15.55 -2.49
C VAL B 156 5.57 14.33 -1.59
N TYR B 157 6.81 13.98 -1.27
CA TYR B 157 7.08 12.79 -0.45
C TYR B 157 6.47 12.98 0.95
N LYS B 158 6.71 14.15 1.54
CA LYS B 158 6.21 14.44 2.86
C LYS B 158 4.69 14.36 2.86
N GLU B 159 4.07 14.90 1.82
CA GLU B 159 2.62 14.91 1.74
C GLU B 159 2.08 13.48 1.53
N ARG B 160 2.77 12.74 0.67
CA ARG B 160 2.29 11.42 0.25
C ARG B 160 2.28 10.45 1.41
N LEU B 161 3.21 10.61 2.34
CA LEU B 161 3.25 9.75 3.53
C LEU B 161 2.44 10.34 4.70
N GLY B 162 1.87 11.53 4.52
CA GLY B 162 1.04 12.11 5.56
C GLY B 162 1.83 12.41 6.83
N LEU B 163 3.09 12.80 6.66
CA LEU B 163 3.92 13.07 7.82
C LEU B 163 3.39 14.31 8.54
N PRO B 164 3.54 14.37 9.87
CA PRO B 164 3.02 15.56 10.56
C PRO B 164 3.56 16.86 9.97
N PRO B 165 2.68 17.76 9.53
CA PRO B 165 3.24 18.90 8.78
C PRO B 165 4.14 19.80 9.64
N LYS B 166 3.89 19.84 10.94
CA LYS B 166 4.65 20.71 11.82
C LYS B 166 6.14 20.34 11.87
N ILE B 167 6.46 19.08 11.67
CA ILE B 167 7.83 18.60 11.85
C ILE B 167 8.52 18.57 10.48
N VAL B 168 9.61 19.30 10.31
CA VAL B 168 10.26 19.27 9.02
C VAL B 168 11.10 18.01 8.89
N ILE B 169 11.25 17.55 7.66
CA ILE B 169 12.25 16.53 7.32
C ILE B 169 13.40 17.25 6.59
N GLY B 170 14.58 16.65 6.58
CA GLY B 170 15.75 17.34 6.05
C GLY B 170 16.32 16.63 4.83
N TYR B 171 16.90 17.38 3.90
CA TYR B 171 17.68 16.81 2.80
C TYR B 171 19.17 17.01 3.07
N GLN B 172 19.91 15.90 3.12
CA GLN B 172 21.35 15.92 3.34
C GLN B 172 22.12 15.44 2.12
N SER B 173 23.22 16.09 1.79
CA SER B 173 24.08 15.58 0.73
C SER B 173 24.93 14.39 1.22
N HIS B 174 25.22 13.46 0.33
CA HIS B 174 25.99 12.29 0.70
C HIS B 174 27.43 12.69 0.97
N ALA B 175 27.87 13.70 0.24
CA ALA B 175 29.22 14.22 0.43
C ALA B 175 29.34 14.75 1.85
N ASP B 176 28.32 15.44 2.32
CA ASP B 176 28.32 15.96 3.70
C ASP B 176 28.23 14.79 4.68
N THR B 177 27.36 13.82 4.41
CA THR B 177 27.19 12.70 5.32
C THR B 177 28.49 11.93 5.53
N ALA B 178 29.20 11.70 4.44
CA ALA B 178 30.39 10.85 4.46
C ALA B 178 31.58 11.53 5.12
N THR B 179 31.54 12.86 5.22
CA THR B 179 32.67 13.61 5.80
C THR B 179 32.27 14.25 7.12
N LYS B 180 31.28 13.65 7.77
CA LYS B 180 30.67 14.20 8.98
C LYS B 180 31.63 14.13 10.15
N SER B 181 32.21 15.27 10.50
CA SER B 181 33.14 15.34 11.61
C SER B 181 32.41 15.58 12.93
N GLY B 182 31.08 15.72 12.83
CA GLY B 182 30.22 15.88 14.00
C GLY B 182 29.36 14.66 14.23
N SER B 183 28.14 14.86 14.72
CA SER B 183 27.22 13.76 14.99
C SER B 183 26.02 13.82 14.06
N THR B 184 25.73 15.02 13.58
CA THR B 184 24.63 15.23 12.65
C THR B 184 25.16 15.90 11.38
N THR B 185 24.47 15.64 10.28
CA THR B 185 24.77 16.29 9.00
C THR B 185 23.87 17.49 8.83
N LYS B 186 24.41 18.60 8.33
CA LYS B 186 23.61 19.80 8.08
C LYS B 186 22.59 19.52 6.96
N ASN B 187 21.51 20.29 6.91
CA ASN B 187 20.52 20.10 5.86
C ASN B 187 20.71 21.10 4.73
N ARG B 188 20.70 20.63 3.50
CA ARG B 188 20.72 21.55 2.36
C ARG B 188 19.34 22.18 2.18
N PHE B 189 18.30 21.41 2.50
CA PHE B 189 16.91 21.83 2.39
C PHE B 189 16.11 21.23 3.53
N VAL B 190 14.98 21.85 3.87
CA VAL B 190 13.98 21.21 4.73
C VAL B 190 12.60 21.46 4.17
N VAL B 191 11.66 20.58 4.50
CA VAL B 191 10.23 20.77 4.16
C VAL B 191 9.35 20.16 5.25
PG MGT C . -22.81 -13.64 8.29
O1G MGT C . -22.50 -13.44 6.82
O2G MGT C . -24.29 -13.91 8.43
O3G MGT C . -22.05 -14.83 8.83
O3B MGT C . -22.50 -12.32 9.16
PB MGT C . -21.35 -11.24 8.93
O1B MGT C . -21.50 -10.14 9.94
O2B MGT C . -20.01 -11.90 9.10
O3A MGT C . -21.49 -10.67 7.44
PA MGT C . -22.39 -9.43 6.99
O1A MGT C . -22.18 -8.27 7.93
O2A MGT C . -21.99 -9.06 5.58
O5' MGT C . -23.93 -9.80 6.93
C5' MGT C . -24.73 -9.99 8.11
C4' MGT C . -26.19 -9.81 7.76
O4' MGT C . -26.46 -8.20 7.35
C3' MGT C . -26.56 -10.48 6.78
O3' MGT C . -27.08 -11.84 7.17
C2' MGT C . -27.76 -9.66 6.19
O2' MGT C . -28.87 -9.91 6.87
C1' MGT C . -27.34 -8.18 6.40
N9 MGT C . -26.73 -7.68 5.22
C8 MGT C . -25.45 -7.79 4.82
N7 MGT C . -25.29 -7.16 3.68
CM7 MGT C . -24.05 -7.06 2.93
C5 MGT C . -26.48 -6.60 3.29
C6 MGT C . -26.95 -5.77 2.14
O6 MGT C . -26.22 -5.45 1.23
N1 MGT C . -28.30 -5.37 2.09
C2 MGT C . -29.21 -5.74 3.14
N2 MGT C . -30.58 -5.34 3.12
N3 MGT C . -28.75 -6.54 4.25
C4 MGT C . -27.38 -6.95 4.30
H5'1 MGT C . -24.58 -10.87 8.47
H5'2 MGT C . -24.47 -9.32 8.79
H4' MGT C . -26.74 -10.04 8.54
H3' MGT C . -25.83 -10.56 6.12
HO3' MGT C . -27.06 -12.39 6.46
H2' MGT C . -27.88 -9.86 5.25
HO2' MGT C . -29.48 -9.28 6.69
H1' MGT C . -28.08 -7.53 6.51
H81 MGT C . -24.75 -8.27 5.31
HM71 MGT C . -23.76 -7.96 2.67
HM72 MGT C . -24.20 -6.52 2.12
HM73 MGT C . -23.36 -6.64 3.48
HN21 MGT C . -30.91 -4.85 2.43
HN22 MGT C . -31.14 -5.59 3.80
C15 34K D . -15.25 7.71 10.93
C17 34K D . -13.26 7.93 9.61
C20 34K D . -15.03 9.56 9.41
C21 34K D . -15.75 8.87 10.36
C22 34K D . -15.47 6.04 12.73
C24 34K D . -20.85 5.15 16.65
C28 34K D . -22.99 4.66 11.87
C01 34K D . -24.17 4.14 12.36
C02 34K D . -24.61 4.46 13.63
C03 34K D . -23.87 5.31 14.44
N04 34K D . -24.35 5.62 15.78
O05 34K D . -24.44 6.78 16.19
O06 34K D . -24.69 4.72 16.53
C07 34K D . -22.67 5.84 13.95
C08 34K D . -21.81 6.77 14.79
C09 34K D . -20.61 6.04 15.39
N10 34K D . -19.39 6.12 14.90
N11 34K D . -19.11 6.89 13.79
C12 34K D . -17.83 6.74 13.26
N13 34K D . -17.27 7.42 12.24
C14 34K D . -16.02 7.04 11.94
C16 34K D . -14.00 7.24 10.57
C18 34K D . -13.77 9.09 9.04
S23 34K D . -16.70 5.60 13.86
O25 34K D . -19.93 4.42 17.09
O26 34K D . -21.98 5.18 17.21
C27 34K D . -22.25 5.52 12.68
BR1 34K D . -12.76 10.05 7.73
H171 34K D . -12.38 7.61 9.35
H201 34K D . -15.38 10.38 9.00
H211 34K D . -16.64 9.21 10.63
H221 34K D . -14.59 5.67 12.64
H281 34K D . -22.68 4.44 10.97
H011 34K D . -24.70 3.53 11.79
H021 34K D . -25.45 4.07 13.98
H081 34K D . -22.34 7.15 15.51
H082 34K D . -21.47 7.51 14.23
H111 34K D . -19.72 7.44 13.42
H161 34K D . -13.63 6.43 10.98
H271 34K D . -21.40 5.89 12.34
O1 MES E . -2.74 5.52 -8.67
C2 MES E . -2.98 5.07 -7.32
C3 MES E . -2.98 3.56 -7.16
N4 MES E . -1.84 2.95 -7.74
C5 MES E . -1.74 3.31 -9.13
C6 MES E . -1.73 4.83 -9.35
C7 MES E . -1.93 1.46 -7.66
C8 MES E . -0.60 0.83 -7.23
S MES E . -0.48 -0.94 -7.56
O1S MES E . -1.08 -1.35 -8.87
O2S MES E . -1.16 -1.63 -6.41
O3S MES E . 0.96 -1.35 -7.76
H21 MES E . -2.29 5.45 -6.73
H22 MES E . -3.87 5.40 -7.02
H31 MES E . -3.00 3.34 -6.19
H32 MES E . -3.78 3.19 -7.58
H51 MES E . -0.91 2.92 -9.50
H52 MES E . -2.52 2.93 -9.61
H61 MES E . -0.87 5.18 -9.06
H62 MES E . -1.82 5.01 -10.31
H71 MES E . -2.63 1.23 -7.02
H72 MES E . -2.18 1.12 -8.56
H81 MES E . -0.48 0.98 -6.25
H82 MES E . 0.13 1.28 -7.69
PG MGT F . 24.99 6.95 11.70
O1G MGT F . 25.25 7.39 13.12
O2G MGT F . 23.80 7.72 11.19
O3G MGT F . 26.22 7.28 10.87
O3B MGT F . 24.78 5.37 11.78
PB MGT F . 23.68 4.47 11.07
O1B MGT F . 24.03 3.01 11.29
O2B MGT F . 22.33 4.75 11.63
O3A MGT F . 23.76 4.85 9.54
PA MGT F . 24.51 4.09 8.37
O1A MGT F . 24.30 2.60 8.50
O2A MGT F . 23.82 4.61 7.14
O5' MGT F . 26.06 4.43 8.26
C5' MGT F . 27.02 3.94 9.23
C4' MGT F . 28.39 3.73 8.63
O4' MGT F . 28.26 2.60 7.40
C3' MGT F . 28.89 4.75 8.07
O3' MGT F . 29.68 5.57 9.06
C2' MGT F . 29.88 4.16 6.99
O2' MGT F . 31.06 3.77 7.49
C1' MGT F . 29.06 2.95 6.45
N9 MGT F . 28.26 3.35 5.35
C8 MGT F . 26.96 3.68 5.31
N7 MGT F . 26.60 3.97 4.06
CM7 MGT F . 25.28 4.36 3.62
C5 MGT F . 27.70 3.83 3.25
C6 MGT F . 27.96 3.99 1.78
O6 MGT F . 27.10 4.34 0.99
N1 MGT F . 29.26 3.74 1.32
C2 MGT F . 30.30 3.33 2.22
N2 MGT F . 31.60 3.10 1.73
N3 MGT F . 30.06 3.17 3.62
C4 MGT F . 28.72 3.43 4.09
H5'1 MGT F . 27.08 4.59 9.96
H5'2 MGT F . 26.68 3.09 9.60
H4' MGT F . 29.00 3.40 9.31
H3' MGT F . 28.20 5.29 7.66
HO3' MGT F . 29.64 6.44 8.81
H2' MGT F . 30.01 4.82 6.28
HO2' MGT F . 31.72 4.26 7.13
H1' MGT F . 29.58 2.23 6.03
H81 MGT F . 26.35 3.70 6.09
HM71 MGT F . 25.02 5.20 4.07
HM72 MGT F . 24.64 3.66 3.85
HM73 MGT F . 25.29 4.50 2.65
HN21 MGT F . 31.77 3.20 0.85
HN22 MGT F . 32.26 2.83 2.31
#